data_4PVI
#
_entry.id   4PVI
#
_cell.length_a   72.445
_cell.length_b   72.445
_cell.length_c   62.099
_cell.angle_alpha   90.00
_cell.angle_beta   90.00
_cell.angle_gamma   120.00
#
_symmetry.space_group_name_H-M   'P 31'
#
loop_
_entity.id
_entity.type
_entity.pdbx_description
1 polymer 'GH62 hydrolase'
2 branched beta-D-xylopyranose-(1-4)-beta-D-xylopyranose-(1-4)-beta-D-xylopyranose
3 non-polymer 'PHOSPHATE ION'
4 water water
#
_entity_poly.entity_id   1
_entity_poly.type   'polypeptide(L)'
_entity_poly.pdbx_seq_one_letter_code
;MGSSHHHHHHSSGRENLYFQGSSWKWVSTGPLVFPKNDERNIAGIKDPTAVLINGTYHVFASTAKSEGYNMVYFNFTDFA
EANNAPFYYLDQAPLGYGYRAAPQVFYFEPHKLWYLVYQNGNAAYSTNPDINDPSKWTAPEVFYPNGMPKIIADNIGNGY
WVDMWVVCDDEEDPNKALCHLFSSDDNGHLYRSQTTLAQFPRGMSEPEIVLQDTQNIYALWEAACIYRIKGAEGTQKYLL
LVEAIGQEGHRYFRSWTSDRIDGQWIPLADTEANPWAGEANVVFEGQKWTKSISHGEVIRTLTDQTLTLDLSEPIQFLYQ
GVDPNAQTEYNALPWRLGLITQ
;
_entity_poly.pdbx_strand_id   A
#
loop_
_chem_comp.id
_chem_comp.type
_chem_comp.name
_chem_comp.formula
PO4 non-polymer 'PHOSPHATE ION' 'O4 P -3'
XYP D-saccharide, beta linking beta-D-xylopyranose 'C5 H10 O5'
#
# COMPACT_ATOMS: atom_id res chain seq x y z
N GLU A 15 -19.69 9.41 -15.51
CA GLU A 15 -19.37 7.98 -15.36
C GLU A 15 -18.36 7.69 -14.22
N ASN A 16 -18.78 7.86 -12.96
CA ASN A 16 -18.07 7.35 -11.76
C ASN A 16 -18.56 5.93 -11.43
N LEU A 17 -18.58 5.12 -12.49
CA LEU A 17 -19.33 3.90 -12.52
C LEU A 17 -18.77 2.94 -11.54
N TYR A 18 -17.46 2.99 -11.35
CA TYR A 18 -16.80 1.95 -10.54
C TYR A 18 -16.60 2.35 -9.08
N PHE A 19 -17.15 3.48 -8.66
CA PHE A 19 -17.30 3.72 -7.25
C PHE A 19 -18.56 3.01 -6.80
N GLN A 20 -18.41 1.86 -6.20
CA GLN A 20 -19.48 0.92 -5.98
C GLN A 20 -20.18 1.01 -4.63
N GLY A 21 -19.94 2.12 -3.96
CA GLY A 21 -20.70 2.42 -2.76
C GLY A 21 -20.56 1.44 -1.63
N SER A 22 -21.63 0.74 -1.34
CA SER A 22 -21.59 -0.31 -0.36
C SER A 22 -21.78 -1.69 -0.97
N SER A 23 -21.56 -1.78 -2.27
CA SER A 23 -21.68 -3.02 -3.00
CA SER A 23 -21.58 -3.10 -2.91
C SER A 23 -20.47 -3.25 -3.93
N TRP A 24 -19.28 -3.39 -3.37
CA TRP A 24 -18.10 -3.65 -4.20
C TRP A 24 -18.08 -5.10 -4.60
N LYS A 25 -17.66 -5.41 -5.82
CA LYS A 25 -17.67 -6.78 -6.33
C LYS A 25 -16.41 -6.96 -7.15
N TRP A 26 -15.79 -8.12 -6.99
CA TRP A 26 -14.48 -8.40 -7.57
C TRP A 26 -14.40 -9.80 -8.12
N VAL A 27 -13.47 -9.97 -9.05
CA VAL A 27 -13.03 -11.27 -9.51
C VAL A 27 -11.54 -11.34 -9.29
N SER A 28 -11.07 -12.43 -8.69
CA SER A 28 -9.66 -12.65 -8.49
C SER A 28 -9.05 -13.61 -9.48
N THR A 29 -7.80 -13.31 -9.85
CA THR A 29 -6.94 -14.25 -10.55
C THR A 29 -6.49 -15.36 -9.60
N GLY A 30 -5.79 -16.35 -10.12
CA GLY A 30 -4.98 -17.21 -9.26
C GLY A 30 -3.75 -16.47 -8.77
N PRO A 31 -2.83 -17.18 -8.09
CA PRO A 31 -1.60 -16.51 -7.69
C PRO A 31 -0.75 -16.17 -8.92
N LEU A 32 -0.20 -14.96 -8.96
CA LEU A 32 0.46 -14.44 -10.16
C LEU A 32 1.97 -14.27 -9.98
N VAL A 33 2.41 -14.04 -8.77
CA VAL A 33 3.83 -13.86 -8.49
C VAL A 33 4.28 -14.63 -7.25
N PHE A 34 5.26 -15.49 -7.49
CA PHE A 34 5.87 -16.34 -6.48
C PHE A 34 7.30 -15.89 -6.20
N PRO A 35 7.81 -16.24 -5.01
CA PRO A 35 9.26 -16.10 -4.81
C PRO A 35 10.08 -16.91 -5.82
N LYS A 36 11.27 -16.45 -6.15
CA LYS A 36 12.14 -17.22 -7.04
C LYS A 36 12.75 -18.40 -6.32
N ASN A 37 13.10 -19.44 -7.07
CA ASN A 37 13.94 -20.50 -6.54
CA ASN A 37 13.93 -20.49 -6.53
C ASN A 37 15.38 -20.12 -6.77
N ASP A 38 15.91 -19.31 -5.85
CA ASP A 38 17.29 -18.85 -5.91
C ASP A 38 17.87 -18.90 -4.50
N GLU A 39 19.12 -18.49 -4.32
CA GLU A 39 19.78 -18.73 -3.05
C GLU A 39 19.26 -17.82 -1.92
N ARG A 40 18.42 -16.84 -2.25
CA ARG A 40 17.83 -15.99 -1.20
C ARG A 40 16.73 -16.71 -0.41
N ASN A 41 16.17 -17.79 -0.96
CA ASN A 41 15.19 -18.60 -0.24
C ASN A 41 14.07 -17.77 0.39
N ILE A 42 13.54 -16.86 -0.39
CA ILE A 42 12.46 -16.01 0.08
CA ILE A 42 12.45 -16.00 0.04
C ILE A 42 11.18 -16.83 0.22
N ALA A 43 10.43 -16.57 1.32
CA ALA A 43 9.19 -17.31 1.61
C ALA A 43 7.96 -16.68 0.99
N GLY A 44 7.87 -15.36 1.07
CA GLY A 44 6.69 -14.65 0.62
C GLY A 44 7.04 -13.42 -0.20
N ILE A 45 6.22 -13.14 -1.21
CA ILE A 45 6.27 -11.86 -1.90
C ILE A 45 5.04 -11.08 -1.46
N LYS A 46 5.26 -9.87 -0.98
CA LYS A 46 4.28 -9.17 -0.17
C LYS A 46 4.17 -7.68 -0.51
N ASP A 47 3.11 -7.07 -0.01
CA ASP A 47 3.04 -5.61 0.08
C ASP A 47 3.29 -4.87 -1.24
N PRO A 48 2.56 -5.21 -2.30
CA PRO A 48 2.88 -4.61 -3.60
C PRO A 48 2.42 -3.17 -3.74
N THR A 49 3.18 -2.44 -4.55
CA THR A 49 2.77 -1.15 -5.10
C THR A 49 2.97 -1.24 -6.60
N ALA A 50 2.13 -0.58 -7.40
CA ALA A 50 2.25 -0.80 -8.83
C ALA A 50 1.68 0.34 -9.62
N VAL A 51 2.30 0.60 -10.77
CA VAL A 51 1.79 1.57 -11.74
C VAL A 51 1.83 0.94 -13.13
N LEU A 52 0.96 1.44 -13.99
CA LEU A 52 0.90 1.00 -15.40
C LEU A 52 1.22 2.19 -16.28
N ILE A 53 2.28 2.05 -17.08
CA ILE A 53 2.82 3.14 -17.90
C ILE A 53 3.03 2.61 -19.32
N ASN A 54 2.25 3.13 -20.25
CA ASN A 54 2.36 2.76 -21.66
CA ASN A 54 2.39 2.76 -21.67
C ASN A 54 2.47 1.24 -21.87
N GLY A 55 1.56 0.52 -21.22
CA GLY A 55 1.45 -0.93 -21.39
C GLY A 55 2.33 -1.79 -20.51
N THR A 56 3.23 -1.17 -19.74
CA THR A 56 4.11 -1.91 -18.85
C THR A 56 3.69 -1.67 -17.41
N TYR A 57 3.50 -2.77 -16.69
CA TYR A 57 3.27 -2.75 -15.26
C TYR A 57 4.61 -2.74 -14.53
N HIS A 58 4.75 -1.80 -13.60
CA HIS A 58 5.92 -1.65 -12.77
C HIS A 58 5.52 -1.97 -11.34
N VAL A 59 6.15 -2.98 -10.73
CA VAL A 59 5.77 -3.43 -9.39
C VAL A 59 6.96 -3.38 -8.45
N PHE A 60 6.74 -2.86 -7.25
CA PHE A 60 7.68 -3.00 -6.17
C PHE A 60 6.99 -3.82 -5.10
N ALA A 61 7.71 -4.69 -4.42
CA ALA A 61 7.15 -5.53 -3.39
C ALA A 61 8.18 -5.84 -2.33
N SER A 62 7.72 -6.25 -1.15
CA SER A 62 8.62 -6.78 -0.14
C SER A 62 8.96 -8.22 -0.40
N THR A 63 10.19 -8.61 -0.04
CA THR A 63 10.53 -10.01 0.13
C THR A 63 10.49 -10.30 1.63
N ALA A 64 9.99 -11.49 1.99
CA ALA A 64 9.82 -11.86 3.38
C ALA A 64 10.31 -13.27 3.62
N LYS A 65 11.07 -13.42 4.69
CA LYS A 65 11.46 -14.74 5.18
C LYS A 65 11.77 -14.56 6.66
N SER A 66 12.04 -15.65 7.36
CA SER A 66 12.30 -15.53 8.80
C SER A 66 13.53 -14.69 9.03
N GLU A 67 14.47 -14.72 8.08
CA GLU A 67 15.73 -13.95 8.22
C GLU A 67 15.54 -12.45 8.10
N GLY A 68 14.50 -12.00 7.42
CA GLY A 68 14.32 -10.57 7.26
C GLY A 68 13.48 -10.14 6.09
N TYR A 69 13.44 -8.81 5.92
CA TYR A 69 12.71 -8.16 4.86
C TYR A 69 13.60 -7.29 3.99
N ASN A 70 13.35 -7.32 2.70
CA ASN A 70 13.92 -6.31 1.81
C ASN A 70 12.90 -6.13 0.69
N MET A 71 13.31 -5.60 -0.47
CA MET A 71 12.36 -5.23 -1.51
C MET A 71 12.89 -5.60 -2.91
N VAL A 72 11.96 -5.79 -3.81
CA VAL A 72 12.21 -6.12 -5.19
CA VAL A 72 12.24 -6.12 -5.19
C VAL A 72 11.42 -5.24 -6.12
N TYR A 73 11.96 -5.04 -7.31
CA TYR A 73 11.32 -4.38 -8.40
C TYR A 73 11.24 -5.35 -9.59
N PHE A 74 10.12 -5.36 -10.29
CA PHE A 74 9.99 -6.08 -11.53
C PHE A 74 8.93 -5.46 -12.43
N ASN A 75 8.98 -5.78 -13.72
CA ASN A 75 7.99 -5.29 -14.65
C ASN A 75 7.56 -6.37 -15.62
N PHE A 76 6.39 -6.15 -16.23
CA PHE A 76 5.86 -7.11 -17.18
C PHE A 76 4.77 -6.41 -17.99
N THR A 77 4.31 -7.08 -19.06
CA THR A 77 3.21 -6.55 -19.87
C THR A 77 1.93 -7.40 -19.81
N ASP A 78 2.05 -8.64 -19.33
CA ASP A 78 0.95 -9.59 -19.29
C ASP A 78 0.91 -10.24 -17.90
N PHE A 79 -0.23 -10.17 -17.20
CA PHE A 79 -0.35 -10.75 -15.87
C PHE A 79 0.02 -12.25 -15.84
N ALA A 80 -0.29 -12.97 -16.92
CA ALA A 80 0.00 -14.40 -16.97
C ALA A 80 1.49 -14.70 -17.04
N GLU A 81 2.28 -13.68 -17.43
CA GLU A 81 3.74 -13.78 -17.51
C GLU A 81 4.48 -13.07 -16.38
N ALA A 82 3.74 -12.47 -15.44
CA ALA A 82 4.37 -11.76 -14.34
C ALA A 82 5.31 -12.65 -13.51
N ASN A 83 4.97 -13.90 -13.33
CA ASN A 83 5.79 -14.80 -12.56
C ASN A 83 7.13 -15.10 -13.20
N ASN A 84 7.19 -14.83 -14.47
CA ASN A 84 8.44 -15.04 -15.19
C ASN A 84 9.30 -13.81 -15.32
N ALA A 85 8.87 -12.72 -14.73
CA ALA A 85 9.59 -11.47 -14.81
C ALA A 85 10.83 -11.61 -13.92
N PRO A 86 11.99 -11.17 -14.40
CA PRO A 86 13.15 -11.23 -13.52
C PRO A 86 12.99 -10.23 -12.36
N PHE A 87 13.45 -10.60 -11.18
CA PHE A 87 13.46 -9.68 -10.04
C PHE A 87 14.75 -8.88 -9.98
N TYR A 88 14.63 -7.57 -9.82
CA TYR A 88 15.76 -6.77 -9.37
C TYR A 88 15.67 -6.63 -7.87
N TYR A 89 16.61 -7.23 -7.19
CA TYR A 89 16.70 -7.13 -5.76
C TYR A 89 17.30 -5.78 -5.39
N LEU A 90 16.52 -4.95 -4.71
CA LEU A 90 16.89 -3.55 -4.52
C LEU A 90 18.03 -3.35 -3.55
N ASP A 91 18.44 -4.41 -2.85
CA ASP A 91 19.69 -4.33 -2.06
C ASP A 91 20.93 -4.15 -2.96
N GLN A 92 20.76 -4.31 -4.27
CA GLN A 92 21.84 -4.08 -5.23
C GLN A 92 21.95 -2.61 -5.67
N ALA A 93 20.92 -1.83 -5.36
CA ALA A 93 20.97 -0.38 -5.53
C ALA A 93 21.47 0.26 -4.24
N PRO A 94 21.75 1.58 -4.25
CA PRO A 94 22.15 2.22 -3.00
C PRO A 94 21.11 2.04 -1.89
N LEU A 95 19.83 1.84 -2.27
CA LEU A 95 18.79 1.51 -1.30
C LEU A 95 19.30 0.46 -0.31
N GLY A 96 19.88 -0.61 -0.84
CA GLY A 96 20.82 -1.45 -0.10
C GLY A 96 20.28 -2.51 0.82
N TYR A 97 21.22 -3.17 1.46
CA TYR A 97 20.93 -4.22 2.41
C TYR A 97 20.40 -3.64 3.69
N GLY A 98 19.66 -4.46 4.39
CA GLY A 98 19.07 -4.07 5.65
C GLY A 98 17.58 -4.28 5.65
N TYR A 99 16.96 -3.93 6.74
CA TYR A 99 15.53 -4.03 6.82
C TYR A 99 14.87 -2.90 6.01
N ARG A 100 14.08 -3.30 5.03
CA ARG A 100 13.22 -2.41 4.25
C ARG A 100 11.96 -3.17 3.87
N ALA A 101 10.81 -2.54 4.00
CA ALA A 101 9.57 -3.22 3.64
C ALA A 101 8.45 -2.27 3.29
N ALA A 102 7.51 -2.81 2.52
CA ALA A 102 6.20 -2.19 2.29
C ALA A 102 6.27 -0.90 1.52
N PRO A 103 6.62 -0.99 0.24
CA PRO A 103 6.76 0.19 -0.61
C PRO A 103 5.46 0.78 -1.18
N GLN A 104 5.52 2.07 -1.48
CA GLN A 104 4.52 2.83 -2.22
C GLN A 104 5.30 3.66 -3.24
N VAL A 105 4.96 3.54 -4.52
CA VAL A 105 5.66 4.30 -5.56
C VAL A 105 4.74 5.33 -6.21
N PHE A 106 5.27 6.55 -6.41
CA PHE A 106 4.56 7.59 -7.13
C PHE A 106 5.57 8.56 -7.72
N TYR A 107 5.12 9.32 -8.72
CA TYR A 107 5.96 10.34 -9.34
C TYR A 107 5.67 11.68 -8.69
N PHE A 108 6.69 12.29 -8.09
CA PHE A 108 6.53 13.59 -7.46
C PHE A 108 6.88 14.64 -8.50
N GLU A 109 5.85 15.11 -9.18
CA GLU A 109 6.05 15.89 -10.41
C GLU A 109 6.93 17.14 -10.18
N PRO A 110 6.79 17.84 -9.05
CA PRO A 110 7.64 19.04 -8.93
C PRO A 110 9.13 18.78 -8.90
N HIS A 111 9.55 17.58 -8.54
CA HIS A 111 10.97 17.21 -8.56
C HIS A 111 11.39 16.41 -9.77
N LYS A 112 10.42 16.03 -10.61
CA LYS A 112 10.67 15.12 -11.71
C LYS A 112 11.42 13.88 -11.23
N LEU A 113 10.99 13.38 -10.07
CA LEU A 113 11.56 12.18 -9.46
C LEU A 113 10.44 11.24 -9.06
N TRP A 114 10.67 9.95 -9.28
CA TRP A 114 9.87 8.94 -8.62
C TRP A 114 10.33 8.84 -7.16
N TYR A 115 9.36 8.72 -6.26
CA TYR A 115 9.58 8.43 -4.85
C TYR A 115 9.08 7.03 -4.54
N LEU A 116 9.87 6.34 -3.72
CA LEU A 116 9.50 5.05 -3.15
C LEU A 116 9.47 5.27 -1.65
N VAL A 117 8.27 5.21 -1.08
CA VAL A 117 8.03 5.41 0.34
C VAL A 117 7.92 4.04 0.98
N TYR A 118 8.59 3.83 2.11
CA TYR A 118 8.60 2.52 2.73
C TYR A 118 9.05 2.62 4.18
N GLN A 119 9.18 1.49 4.87
CA GLN A 119 9.63 1.53 6.26
C GLN A 119 11.00 0.88 6.38
N ASN A 120 11.82 1.42 7.29
CA ASN A 120 13.13 0.84 7.58
C ASN A 120 13.41 0.85 9.07
N GLY A 121 12.37 0.90 9.87
CA GLY A 121 12.45 1.26 11.28
C GLY A 121 11.86 2.63 11.57
N ASN A 122 11.91 3.48 10.56
CA ASN A 122 11.31 4.78 10.53
C ASN A 122 10.51 4.88 9.23
N ALA A 123 9.83 5.98 9.01
CA ALA A 123 9.23 6.24 7.73
C ALA A 123 10.29 6.77 6.78
N ALA A 124 10.51 6.08 5.67
CA ALA A 124 11.65 6.36 4.82
C ALA A 124 11.25 6.56 3.37
N TYR A 125 12.17 7.12 2.59
CA TYR A 125 11.96 7.28 1.15
C TYR A 125 13.28 7.18 0.39
N SER A 126 13.14 6.76 -0.86
CA SER A 126 14.20 6.81 -1.84
C SER A 126 13.67 7.51 -3.09
N THR A 127 14.58 8.01 -3.93
CA THR A 127 14.20 8.62 -5.19
C THR A 127 14.94 8.04 -6.37
N ASN A 128 14.37 8.27 -7.55
CA ASN A 128 14.98 7.84 -8.80
C ASN A 128 14.32 8.63 -9.92
N PRO A 129 15.12 9.24 -10.82
CA PRO A 129 14.50 9.91 -11.97
C PRO A 129 13.84 9.00 -12.99
N ASP A 130 14.17 7.71 -13.00
CA ASP A 130 13.67 6.79 -14.01
C ASP A 130 13.27 5.46 -13.40
N ILE A 131 11.97 5.19 -13.41
CA ILE A 131 11.43 3.98 -12.85
C ILE A 131 11.97 2.72 -13.53
N ASN A 132 12.42 2.86 -14.77
CA ASN A 132 12.97 1.76 -15.54
C ASN A 132 14.39 1.35 -15.17
N ASP A 133 15.05 2.15 -14.33
CA ASP A 133 16.42 1.86 -13.92
C ASP A 133 16.52 1.64 -12.42
N PRO A 134 16.23 0.41 -11.99
CA PRO A 134 16.15 0.20 -10.55
C PRO A 134 17.48 0.26 -9.83
N SER A 135 18.59 0.24 -10.55
CA SER A 135 19.89 0.28 -9.89
C SER A 135 20.19 1.64 -9.24
N LYS A 136 19.39 2.65 -9.57
CA LYS A 136 19.66 4.02 -9.13
C LYS A 136 18.87 4.49 -7.90
N TRP A 137 17.96 3.67 -7.38
CA TRP A 137 17.24 4.05 -6.15
C TRP A 137 18.19 4.38 -4.99
N THR A 138 17.96 5.56 -4.38
CA THR A 138 18.90 6.10 -3.40
C THR A 138 18.85 5.36 -2.08
N ALA A 139 19.92 5.47 -1.30
CA ALA A 139 19.92 5.02 0.07
C ALA A 139 18.82 5.73 0.82
N PRO A 140 18.24 5.08 1.83
CA PRO A 140 17.07 5.69 2.48
C PRO A 140 17.39 6.99 3.20
N GLU A 141 16.42 7.90 3.13
CA GLU A 141 16.35 9.06 4.02
C GLU A 141 15.02 9.01 4.73
N VAL A 142 14.95 9.57 5.93
CA VAL A 142 13.76 9.43 6.74
C VAL A 142 12.94 10.73 6.81
N PHE A 143 11.63 10.56 6.97
CA PHE A 143 10.72 11.67 7.09
C PHE A 143 10.74 12.28 8.50
N TYR A 144 11.20 11.52 9.49
CA TYR A 144 11.25 11.96 10.88
C TYR A 144 12.70 11.87 11.37
N PRO A 145 13.49 12.93 11.15
CA PRO A 145 14.93 12.87 11.38
C PRO A 145 15.39 12.58 12.80
N ASN A 146 14.59 12.89 13.80
CA ASN A 146 14.98 12.61 15.17
C ASN A 146 14.59 11.24 15.67
N GLY A 147 13.89 10.47 14.85
CA GLY A 147 13.48 9.12 15.21
C GLY A 147 11.99 8.99 15.37
N MET A 148 11.57 7.90 16.00
CA MET A 148 10.14 7.64 16.22
C MET A 148 9.49 8.80 16.98
N PRO A 149 8.43 9.37 16.41
CA PRO A 149 7.73 10.45 17.09
C PRO A 149 7.21 10.03 18.44
N LYS A 150 7.22 10.98 19.38
CA LYS A 150 6.72 10.72 20.73
C LYS A 150 5.33 10.10 20.76
N ILE A 151 4.40 10.65 19.96
CA ILE A 151 3.04 10.15 20.00
C ILE A 151 2.97 8.68 19.61
N ILE A 152 3.83 8.25 18.69
CA ILE A 152 3.83 6.86 18.27
C ILE A 152 4.49 6.00 19.36
N ALA A 153 5.61 6.44 19.92
CA ALA A 153 6.24 5.68 20.98
C ALA A 153 5.33 5.56 22.21
N ASP A 154 4.53 6.61 22.46
CA ASP A 154 3.62 6.59 23.61
C ASP A 154 2.44 5.63 23.43
N ASN A 155 2.08 5.34 22.19
CA ASN A 155 0.82 4.62 21.91
C ASN A 155 0.99 3.27 21.21
N ILE A 156 2.21 2.92 20.82
CA ILE A 156 2.44 1.71 20.05
C ILE A 156 2.34 0.42 20.86
N GLY A 157 2.56 0.48 22.17
CA GLY A 157 2.54 -0.73 22.93
C GLY A 157 3.51 -1.77 22.41
N ASN A 158 3.01 -2.98 22.19
CA ASN A 158 3.82 -4.07 21.67
C ASN A 158 3.67 -4.20 20.16
N GLY A 159 3.20 -3.14 19.52
CA GLY A 159 3.05 -3.14 18.06
C GLY A 159 4.31 -2.81 17.30
N TYR A 160 4.09 -2.41 16.06
CA TYR A 160 5.15 -2.21 15.08
C TYR A 160 4.74 -1.03 14.22
N TRP A 161 5.65 -0.11 13.96
CA TRP A 161 5.36 1.06 13.17
C TRP A 161 5.52 0.69 11.69
N VAL A 162 4.40 0.60 10.98
CA VAL A 162 4.37 -0.01 9.65
C VAL A 162 3.49 0.75 8.66
N ASP A 163 3.76 0.51 7.37
CA ASP A 163 2.85 0.78 6.26
C ASP A 163 2.65 2.26 6.05
N MET A 164 3.67 2.87 5.47
CA MET A 164 3.75 4.31 5.27
C MET A 164 3.09 4.69 3.96
N TRP A 165 2.31 5.76 3.95
CA TRP A 165 1.58 6.13 2.76
C TRP A 165 1.55 7.65 2.63
N VAL A 166 1.99 8.17 1.48
CA VAL A 166 1.94 9.57 1.16
C VAL A 166 0.81 9.85 0.17
N VAL A 167 0.08 10.94 0.39
CA VAL A 167 -0.88 11.46 -0.58
C VAL A 167 -0.91 12.97 -0.44
N CYS A 168 -0.87 13.65 -1.57
CA CYS A 168 -0.90 15.10 -1.62
C CYS A 168 -2.20 15.59 -2.22
N ASP A 169 -2.69 16.73 -1.74
CA ASP A 169 -3.87 17.34 -2.39
C ASP A 169 -3.44 17.99 -3.71
N ASP A 170 -4.38 18.47 -4.53
CA ASP A 170 -4.00 19.03 -5.85
C ASP A 170 -4.13 20.57 -5.91
N GLU A 171 -4.07 21.22 -4.76
CA GLU A 171 -4.07 22.68 -4.71
CA GLU A 171 -4.08 22.69 -4.74
C GLU A 171 -2.90 23.18 -5.55
N GLU A 172 -3.15 24.18 -6.38
CA GLU A 172 -2.14 24.66 -7.31
C GLU A 172 -1.00 25.39 -6.58
N ASP A 173 -1.35 26.10 -5.51
CA ASP A 173 -0.33 26.88 -4.79
C ASP A 173 0.51 25.96 -3.90
N PRO A 174 1.79 25.82 -4.19
CA PRO A 174 2.62 24.83 -3.47
C PRO A 174 2.84 25.18 -1.99
N ASN A 175 2.53 26.41 -1.56
CA ASN A 175 2.55 26.75 -0.13
C ASN A 175 1.24 26.47 0.60
N LYS A 176 0.19 26.18 -0.13
CA LYS A 176 -1.08 25.81 0.47
C LYS A 176 -1.35 24.32 0.32
N ALA A 177 -0.84 23.74 -0.76
CA ALA A 177 -1.04 22.32 -0.98
C ALA A 177 -0.32 21.50 0.10
N LEU A 178 -1.00 20.51 0.64
CA LEU A 178 -0.43 19.67 1.69
C LEU A 178 -0.12 18.27 1.19
N CYS A 179 0.94 17.73 1.76
CA CYS A 179 1.41 16.36 1.55
C CYS A 179 1.28 15.66 2.88
N HIS A 180 0.53 14.56 2.89
CA HIS A 180 0.18 13.87 4.12
C HIS A 180 0.89 12.52 4.13
N LEU A 181 1.31 12.09 5.31
CA LEU A 181 2.02 10.85 5.54
C LEU A 181 1.29 10.07 6.62
N PHE A 182 0.68 8.95 6.22
CA PHE A 182 -0.07 8.09 7.11
C PHE A 182 0.73 6.89 7.50
N SER A 183 0.46 6.36 8.70
CA SER A 183 1.11 5.14 9.15
C SER A 183 0.29 4.45 10.24
N SER A 184 0.57 3.17 10.48
CA SER A 184 -0.13 2.37 11.48
C SER A 184 0.86 1.86 12.52
N ASP A 185 0.35 1.33 13.64
CA ASP A 185 1.22 0.84 14.72
C ASP A 185 0.95 -0.59 15.13
N ASP A 186 0.09 -1.32 14.40
CA ASP A 186 -0.32 -2.66 14.85
C ASP A 186 -0.78 -2.61 16.32
N ASN A 187 -1.40 -1.51 16.70
CA ASN A 187 -1.98 -1.33 18.02
C ASN A 187 -3.26 -0.52 17.96
N GLY A 188 -3.93 -0.56 16.80
CA GLY A 188 -5.24 0.05 16.68
C GLY A 188 -5.29 1.53 16.35
N HIS A 189 -4.15 2.14 16.03
CA HIS A 189 -4.10 3.56 15.66
C HIS A 189 -3.67 3.78 14.22
N LEU A 190 -4.28 4.80 13.61
CA LEU A 190 -3.84 5.33 12.31
C LEU A 190 -3.40 6.78 12.53
N TYR A 191 -2.17 7.08 12.10
CA TYR A 191 -1.54 8.38 12.28
C TYR A 191 -1.38 9.15 10.98
N ARG A 192 -1.32 10.46 11.10
CA ARG A 192 -1.13 11.33 9.94
C ARG A 192 -0.26 12.52 10.29
N SER A 193 0.76 12.76 9.48
CA SER A 193 1.57 13.97 9.51
C SER A 193 1.39 14.74 8.21
N GLN A 194 1.83 15.98 8.17
CA GLN A 194 1.79 16.76 6.96
C GLN A 194 2.94 17.72 6.81
N THR A 195 3.15 18.15 5.58
CA THR A 195 4.07 19.22 5.22
C THR A 195 3.52 19.85 3.95
N THR A 196 4.00 21.02 3.55
CA THR A 196 3.53 21.57 2.29
C THR A 196 4.27 20.95 1.11
N LEU A 197 3.64 21.06 -0.06
CA LEU A 197 4.23 20.59 -1.27
C LEU A 197 5.59 21.24 -1.50
N ALA A 198 5.69 22.52 -1.22
CA ALA A 198 6.95 23.23 -1.42
C ALA A 198 8.07 22.63 -0.61
N GLN A 199 7.77 22.16 0.61
CA GLN A 199 8.83 21.61 1.47
C GLN A 199 9.16 20.12 1.27
N PHE A 200 8.16 19.37 0.80
CA PHE A 200 8.23 17.92 0.70
C PHE A 200 9.55 17.50 0.07
N PRO A 201 10.23 16.48 0.60
CA PRO A 201 9.87 15.56 1.69
C PRO A 201 10.22 16.04 3.08
N ARG A 202 10.75 17.26 3.21
CA ARG A 202 11.10 17.81 4.49
C ARG A 202 9.92 18.41 5.23
N GLY A 203 10.04 18.48 6.55
CA GLY A 203 9.14 19.26 7.39
C GLY A 203 7.89 18.55 7.88
N MET A 204 7.82 17.22 7.79
CA MET A 204 6.64 16.52 8.32
C MET A 204 6.38 16.83 9.79
N SER A 205 5.12 17.14 10.07
CA SER A 205 4.69 17.50 11.41
C SER A 205 4.70 16.31 12.33
N GLU A 206 4.59 16.58 13.62
CA GLU A 206 4.33 15.51 14.57
C GLU A 206 3.03 14.84 14.18
N PRO A 207 2.98 13.51 14.19
CA PRO A 207 1.74 12.88 13.76
C PRO A 207 0.60 13.14 14.73
N GLU A 208 -0.62 13.03 14.22
CA GLU A 208 -1.82 13.01 15.03
CA GLU A 208 -1.82 12.99 15.04
C GLU A 208 -2.52 11.68 14.79
N ILE A 209 -3.25 11.20 15.78
CA ILE A 209 -4.07 10.00 15.61
C ILE A 209 -5.35 10.42 14.92
N VAL A 210 -5.61 9.86 13.73
CA VAL A 210 -6.81 10.27 13.00
C VAL A 210 -7.97 9.30 13.12
N LEU A 211 -7.67 8.03 13.37
CA LEU A 211 -8.68 7.02 13.69
C LEU A 211 -8.08 6.05 14.67
N GLN A 212 -8.91 5.49 15.55
CA GLN A 212 -8.43 4.45 16.44
C GLN A 212 -9.56 3.48 16.75
N ASP A 213 -9.16 2.24 16.96
CA ASP A 213 -10.04 1.16 17.43
C ASP A 213 -9.34 0.52 18.61
N THR A 214 -9.56 1.08 19.80
CA THR A 214 -8.84 0.59 20.96
C THR A 214 -9.39 -0.75 21.50
N GLN A 215 -10.69 -0.96 21.39
CA GLN A 215 -11.28 -2.17 21.91
C GLN A 215 -10.93 -3.40 21.06
N ASN A 216 -10.93 -3.23 19.74
CA ASN A 216 -10.52 -4.28 18.83
C ASN A 216 -9.47 -3.75 17.88
N ILE A 217 -8.21 -3.91 18.28
CA ILE A 217 -7.13 -3.30 17.50
C ILE A 217 -7.08 -3.84 16.08
N TYR A 218 -7.55 -5.07 15.92
CA TYR A 218 -7.50 -5.78 14.66
C TYR A 218 -8.51 -5.24 13.64
N ALA A 219 -9.42 -4.38 14.08
CA ALA A 219 -10.37 -3.70 13.18
C ALA A 219 -9.72 -2.56 12.44
N LEU A 220 -8.57 -2.09 12.91
CA LEU A 220 -7.89 -0.95 12.24
C LEU A 220 -6.42 -1.22 12.21
N TRP A 221 -6.05 -2.25 11.48
CA TRP A 221 -4.79 -2.96 11.74
C TRP A 221 -3.58 -2.35 11.06
N GLU A 222 -3.61 -2.27 9.72
CA GLU A 222 -2.45 -1.77 8.99
C GLU A 222 -2.82 -1.62 7.53
N ALA A 223 -1.81 -1.39 6.70
CA ALA A 223 -1.93 -1.35 5.25
C ALA A 223 -2.91 -0.31 4.75
N ALA A 224 -2.86 0.87 5.34
CA ALA A 224 -3.71 1.93 4.88
C ALA A 224 -3.38 2.43 3.47
N CYS A 225 -4.42 2.79 2.74
CA CYS A 225 -4.29 3.42 1.42
C CYS A 225 -5.28 4.61 1.46
N ILE A 226 -4.88 5.78 0.98
CA ILE A 226 -5.76 6.93 0.84
C ILE A 226 -5.65 7.40 -0.60
N TYR A 227 -6.76 7.38 -1.32
CA TYR A 227 -6.81 7.74 -2.72
C TYR A 227 -7.77 8.88 -2.97
N ARG A 228 -7.45 9.70 -3.95
CA ARG A 228 -8.36 10.67 -4.52
C ARG A 228 -9.22 9.99 -5.59
N ILE A 229 -10.52 10.26 -5.55
CA ILE A 229 -11.42 9.82 -6.61
C ILE A 229 -11.56 10.94 -7.63
N LYS A 230 -11.07 10.71 -8.83
CA LYS A 230 -11.07 11.73 -9.87
C LYS A 230 -12.47 12.27 -10.12
N GLY A 231 -12.57 13.59 -10.15
CA GLY A 231 -13.84 14.20 -10.49
C GLY A 231 -14.86 14.28 -9.36
N ALA A 232 -14.58 13.62 -8.23
CA ALA A 232 -15.46 13.69 -7.08
C ALA A 232 -15.14 14.93 -6.29
N GLU A 233 -16.16 15.72 -5.93
CA GLU A 233 -15.92 17.04 -5.34
C GLU A 233 -16.56 17.25 -3.98
N GLY A 234 -17.27 16.24 -3.46
CA GLY A 234 -17.97 16.37 -2.19
C GLY A 234 -17.53 15.37 -1.15
N THR A 235 -18.49 14.67 -0.55
CA THR A 235 -18.24 13.83 0.62
C THR A 235 -17.51 12.51 0.35
N GLN A 236 -17.36 12.17 -0.93
CA GLN A 236 -16.71 10.95 -1.34
C GLN A 236 -15.55 11.27 -2.26
N LYS A 237 -14.89 12.38 -1.98
CA LYS A 237 -13.74 12.82 -2.76
C LYS A 237 -12.52 11.93 -2.52
N TYR A 238 -12.36 11.48 -1.26
CA TYR A 238 -11.26 10.63 -0.82
C TYR A 238 -11.75 9.32 -0.28
N LEU A 239 -11.02 8.26 -0.59
CA LEU A 239 -11.29 6.90 -0.18
C LEU A 239 -10.16 6.42 0.70
N LEU A 240 -10.49 5.99 1.92
CA LEU A 240 -9.56 5.34 2.83
C LEU A 240 -9.82 3.87 2.91
N LEU A 241 -8.77 3.07 2.73
CA LEU A 241 -8.82 1.63 2.92
C LEU A 241 -7.89 1.29 4.06
N VAL A 242 -8.32 0.41 4.95
CA VAL A 242 -7.47 -0.13 6.01
C VAL A 242 -7.72 -1.62 6.14
N GLU A 243 -6.67 -2.39 6.31
CA GLU A 243 -6.76 -3.82 6.50
C GLU A 243 -7.18 -4.15 7.92
N ALA A 244 -8.07 -5.11 8.00
CA ALA A 244 -8.56 -5.65 9.26
C ALA A 244 -8.39 -7.16 9.27
N ILE A 245 -8.36 -7.71 10.48
CA ILE A 245 -8.33 -9.16 10.65
C ILE A 245 -9.69 -9.61 11.18
N GLY A 246 -10.33 -10.51 10.46
CA GLY A 246 -11.63 -11.00 10.83
C GLY A 246 -11.56 -12.02 11.94
N GLN A 247 -12.73 -12.45 12.39
CA GLN A 247 -12.75 -13.26 13.60
C GLN A 247 -12.11 -14.64 13.40
N GLU A 248 -12.04 -15.15 12.16
CA GLU A 248 -11.34 -16.42 11.91
C GLU A 248 -9.93 -16.24 11.31
N GLY A 249 -9.41 -15.02 11.40
CA GLY A 249 -8.02 -14.74 11.03
C GLY A 249 -7.85 -14.29 9.60
N HIS A 250 -8.95 -14.16 8.87
CA HIS A 250 -8.84 -13.79 7.46
C HIS A 250 -8.77 -12.29 7.32
N ARG A 251 -7.87 -11.85 6.46
CA ARG A 251 -7.66 -10.43 6.20
C ARG A 251 -8.66 -9.90 5.20
N TYR A 252 -9.11 -8.67 5.42
CA TYR A 252 -10.00 -8.00 4.50
C TYR A 252 -9.80 -6.50 4.66
N PHE A 253 -10.30 -5.72 3.71
CA PHE A 253 -10.23 -4.27 3.75
C PHE A 253 -11.56 -3.63 4.07
N ARG A 254 -11.50 -2.73 5.05
CA ARG A 254 -12.54 -1.79 5.39
C ARG A 254 -12.34 -0.53 4.60
N SER A 255 -13.42 0.20 4.40
CA SER A 255 -13.36 1.46 3.70
C SER A 255 -14.17 2.54 4.35
N TRP A 256 -13.68 3.77 4.15
CA TRP A 256 -14.29 5.00 4.62
C TRP A 256 -14.15 6.04 3.51
N THR A 257 -14.94 7.11 3.63
CA THR A 257 -14.82 8.26 2.74
C THR A 257 -14.74 9.56 3.52
N SER A 258 -14.17 10.55 2.86
CA SER A 258 -14.13 11.91 3.38
C SER A 258 -14.09 12.94 2.26
N ASP A 259 -14.39 14.17 2.64
CA ASP A 259 -14.27 15.31 1.76
C ASP A 259 -12.86 15.88 1.66
N ARG A 260 -11.97 15.48 2.58
CA ARG A 260 -10.59 15.92 2.49
C ARG A 260 -9.68 14.90 3.15
N ILE A 261 -8.39 14.99 2.88
CA ILE A 261 -7.43 14.00 3.36
C ILE A 261 -7.30 14.04 4.87
N ASP A 262 -7.43 15.25 5.42
CA ASP A 262 -7.37 15.50 6.86
C ASP A 262 -8.75 15.73 7.44
N GLY A 263 -9.75 15.17 6.78
CA GLY A 263 -11.13 15.32 7.20
C GLY A 263 -11.58 14.22 8.14
N GLN A 264 -12.89 14.19 8.37
CA GLN A 264 -13.47 13.14 9.16
C GLN A 264 -13.86 11.99 8.25
N TRP A 265 -13.51 10.78 8.66
CA TRP A 265 -13.80 9.58 7.90
C TRP A 265 -15.07 8.92 8.33
N ILE A 266 -15.95 8.66 7.36
CA ILE A 266 -17.25 7.98 7.57
CA ILE A 266 -17.20 7.96 7.64
C ILE A 266 -17.22 6.61 6.91
N PRO A 267 -17.60 5.55 7.64
CA PRO A 267 -17.57 4.23 7.03
C PRO A 267 -18.36 4.14 5.75
N LEU A 268 -17.81 3.38 4.81
CA LEU A 268 -18.40 3.11 3.51
C LEU A 268 -18.83 1.64 3.45
N ALA A 269 -17.89 0.73 3.25
CA ALA A 269 -18.14 -0.71 3.33
C ALA A 269 -17.10 -1.21 4.29
N ASP A 270 -17.47 -1.45 5.54
CA ASP A 270 -16.48 -1.55 6.62
C ASP A 270 -16.69 -2.75 7.52
N THR A 271 -17.40 -3.78 7.04
CA THR A 271 -17.58 -5.00 7.83
C THR A 271 -17.02 -6.22 7.11
N GLU A 272 -16.82 -7.32 7.83
CA GLU A 272 -16.30 -8.53 7.21
C GLU A 272 -17.34 -9.08 6.24
N ALA A 273 -18.61 -8.95 6.59
CA ALA A 273 -19.66 -9.46 5.72
C ALA A 273 -19.83 -8.60 4.46
N ASN A 274 -19.53 -7.31 4.58
CA ASN A 274 -19.60 -6.38 3.48
C ASN A 274 -18.37 -5.46 3.45
N PRO A 275 -17.25 -6.01 2.98
CA PRO A 275 -15.98 -5.32 3.02
C PRO A 275 -15.79 -4.51 1.75
N TRP A 276 -14.77 -3.68 1.71
CA TRP A 276 -14.37 -3.10 0.44
C TRP A 276 -13.88 -4.23 -0.47
N ALA A 277 -13.01 -5.08 0.08
CA ALA A 277 -12.57 -6.32 -0.58
C ALA A 277 -12.25 -7.35 0.48
N GLY A 278 -12.77 -8.55 0.31
CA GLY A 278 -12.57 -9.63 1.27
C GLY A 278 -13.14 -10.90 0.69
N GLU A 279 -12.99 -11.98 1.42
CA GLU A 279 -13.56 -13.26 0.99
C GLU A 279 -15.05 -13.13 0.62
N ALA A 280 -15.76 -12.27 1.31
CA ALA A 280 -17.20 -12.13 1.11
C ALA A 280 -17.63 -11.64 -0.27
N ASN A 281 -16.79 -10.83 -0.94
CA ASN A 281 -17.19 -10.18 -2.19
C ASN A 281 -16.21 -10.38 -3.32
N VAL A 282 -15.31 -11.34 -3.17
CA VAL A 282 -14.34 -11.66 -4.21
C VAL A 282 -14.70 -13.02 -4.77
N VAL A 283 -14.89 -13.10 -6.08
CA VAL A 283 -15.16 -14.36 -6.76
C VAL A 283 -13.92 -14.87 -7.42
N PHE A 284 -13.53 -16.09 -7.11
CA PHE A 284 -12.45 -16.75 -7.80
C PHE A 284 -13.09 -17.55 -8.92
N GLU A 285 -12.95 -17.07 -10.16
CA GLU A 285 -13.60 -17.73 -11.30
C GLU A 285 -12.74 -18.89 -11.79
N GLY A 286 -11.49 -18.90 -11.37
CA GLY A 286 -10.56 -19.97 -11.70
C GLY A 286 -9.95 -20.58 -10.45
N GLN A 287 -8.64 -20.51 -10.28
CA GLN A 287 -7.99 -21.09 -9.11
C GLN A 287 -8.32 -20.32 -7.81
N LYS A 288 -8.74 -21.06 -6.78
CA LYS A 288 -9.21 -20.50 -5.50
C LYS A 288 -8.27 -20.83 -4.33
N TRP A 289 -7.42 -19.86 -3.94
CA TRP A 289 -6.13 -20.14 -3.32
C TRP A 289 -5.87 -19.38 -2.02
N THR A 290 -6.79 -18.49 -1.63
CA THR A 290 -6.61 -17.66 -0.47
C THR A 290 -7.98 -17.27 0.08
N LYS A 291 -8.09 -17.16 1.39
CA LYS A 291 -9.26 -16.60 2.06
CA LYS A 291 -9.26 -16.59 2.04
C LYS A 291 -8.99 -15.19 2.55
N SER A 292 -7.74 -14.78 2.49
CA SER A 292 -7.32 -13.46 2.89
C SER A 292 -7.10 -12.60 1.66
N ILE A 293 -7.56 -11.37 1.73
CA ILE A 293 -7.23 -10.31 0.80
C ILE A 293 -6.46 -9.28 1.63
N SER A 294 -5.14 -9.26 1.45
CA SER A 294 -4.23 -8.57 2.36
C SER A 294 -3.32 -7.59 1.62
N HIS A 295 -2.81 -6.63 2.38
CA HIS A 295 -1.93 -5.56 1.94
C HIS A 295 -1.77 -5.43 0.47
N GLY A 296 -2.66 -4.69 -0.16
CA GLY A 296 -2.65 -4.50 -1.59
C GLY A 296 -2.66 -3.03 -1.96
N GLU A 297 -2.65 -2.80 -3.26
CA GLU A 297 -2.70 -1.46 -3.80
C GLU A 297 -3.37 -1.49 -5.12
N VAL A 298 -4.06 -0.42 -5.44
CA VAL A 298 -4.59 -0.22 -6.78
C VAL A 298 -3.47 0.05 -7.77
N ILE A 299 -3.54 -0.58 -8.94
CA ILE A 299 -2.58 -0.33 -10.01
C ILE A 299 -2.95 1.00 -10.65
N ARG A 300 -2.09 1.99 -10.49
CA ARG A 300 -2.39 3.35 -10.94
C ARG A 300 -1.84 3.66 -12.31
N THR A 301 -2.68 4.30 -13.13
CA THR A 301 -2.28 4.90 -14.39
C THR A 301 -1.99 6.41 -14.27
N LEU A 302 -2.60 7.06 -13.27
CA LEU A 302 -2.35 8.47 -12.96
C LEU A 302 -1.35 8.42 -11.83
N THR A 303 -0.08 8.54 -12.17
CA THR A 303 0.99 8.09 -11.31
C THR A 303 1.57 9.14 -10.38
N ASP A 304 1.02 10.35 -10.37
CA ASP A 304 1.65 11.40 -9.59
C ASP A 304 1.28 11.37 -8.10
N GLN A 305 1.74 12.40 -7.39
CA GLN A 305 1.66 12.43 -5.94
C GLN A 305 0.25 12.65 -5.35
N THR A 306 -0.73 12.87 -6.21
CA THR A 306 -2.11 13.00 -5.75
C THR A 306 -2.85 11.66 -5.55
N LEU A 307 -2.23 10.57 -5.98
CA LEU A 307 -2.79 9.22 -5.80
C LEU A 307 -4.26 9.18 -6.27
N THR A 308 -4.46 9.67 -7.49
CA THR A 308 -5.79 9.77 -8.06
C THR A 308 -6.16 8.50 -8.83
N LEU A 309 -7.40 8.05 -8.61
CA LEU A 309 -7.99 6.95 -9.35
C LEU A 309 -9.09 7.45 -10.26
N ASP A 310 -9.11 6.95 -11.50
CA ASP A 310 -10.17 7.22 -12.47
C ASP A 310 -11.19 6.08 -12.42
N LEU A 311 -12.29 6.33 -11.74
CA LEU A 311 -13.31 5.29 -11.54
C LEU A 311 -14.35 5.26 -12.66
N SER A 312 -13.99 5.84 -13.80
CA SER A 312 -14.70 5.49 -15.02
C SER A 312 -14.22 4.13 -15.56
N GLU A 313 -13.12 3.62 -15.00
CA GLU A 313 -12.49 2.38 -15.41
C GLU A 313 -12.48 1.43 -14.23
N PRO A 314 -12.45 0.11 -14.48
CA PRO A 314 -12.41 -0.82 -13.37
C PRO A 314 -11.11 -0.75 -12.60
N ILE A 315 -11.22 -0.88 -11.30
CA ILE A 315 -10.03 -0.93 -10.45
C ILE A 315 -9.38 -2.28 -10.61
N GLN A 316 -8.05 -2.27 -10.71
CA GLN A 316 -7.25 -3.47 -10.55
C GLN A 316 -6.44 -3.30 -9.27
N PHE A 317 -6.61 -4.23 -8.34
CA PHE A 317 -6.01 -4.15 -7.00
C PHE A 317 -5.09 -5.36 -6.87
N LEU A 318 -3.77 -5.10 -6.79
CA LEU A 318 -2.78 -6.16 -6.66
C LEU A 318 -2.61 -6.41 -5.16
N TYR A 319 -2.70 -7.65 -4.72
CA TYR A 319 -2.80 -7.94 -3.28
C TYR A 319 -2.00 -9.15 -2.94
N GLN A 320 -1.76 -9.38 -1.65
CA GLN A 320 -1.09 -10.59 -1.21
C GLN A 320 -2.12 -11.55 -0.62
N GLY A 321 -1.99 -12.81 -1.02
CA GLY A 321 -2.83 -13.87 -0.50
C GLY A 321 -1.95 -15.04 -0.05
N VAL A 322 -2.54 -15.98 0.68
CA VAL A 322 -1.79 -17.12 1.21
C VAL A 322 -2.72 -18.31 1.40
N ASP A 323 -2.16 -19.50 1.26
CA ASP A 323 -2.88 -20.74 1.48
C ASP A 323 -3.40 -20.68 2.91
N PRO A 324 -4.72 -20.80 3.08
CA PRO A 324 -5.27 -20.67 4.43
C PRO A 324 -4.83 -21.81 5.34
N ASN A 325 -4.32 -22.89 4.74
CA ASN A 325 -3.86 -24.02 5.53
C ASN A 325 -2.37 -23.91 5.93
N ALA A 326 -1.67 -22.87 5.50
CA ALA A 326 -0.26 -22.69 5.84
C ALA A 326 -0.06 -22.62 7.36
N GLN A 327 0.92 -23.38 7.87
CA GLN A 327 1.27 -23.36 9.30
C GLN A 327 2.77 -23.05 9.43
N THR A 328 3.11 -21.76 9.45
CA THR A 328 4.48 -21.30 9.65
C THR A 328 4.45 -20.11 10.59
N GLU A 329 5.62 -19.68 11.03
CA GLU A 329 5.81 -18.42 11.71
C GLU A 329 5.37 -17.32 10.72
N TYR A 330 4.88 -16.17 11.20
CA TYR A 330 4.28 -15.16 10.34
C TYR A 330 5.24 -14.74 9.22
N ASN A 331 6.50 -14.46 9.57
CA ASN A 331 7.46 -13.97 8.57
C ASN A 331 7.84 -15.03 7.52
N ALA A 332 7.47 -16.28 7.75
CA ALA A 332 7.75 -17.36 6.82
C ALA A 332 6.51 -17.80 6.04
N LEU A 333 5.40 -17.08 6.20
CA LEU A 333 4.20 -17.44 5.48
C LEU A 333 4.41 -17.34 3.96
N PRO A 334 3.80 -18.27 3.19
CA PRO A 334 4.00 -18.29 1.74
C PRO A 334 3.05 -17.36 0.98
N TRP A 335 3.19 -16.06 1.23
CA TRP A 335 2.42 -15.07 0.51
C TRP A 335 2.77 -15.08 -0.96
N ARG A 336 1.76 -14.85 -1.79
CA ARG A 336 1.91 -14.68 -3.23
C ARG A 336 1.09 -13.48 -3.64
N LEU A 337 1.47 -12.84 -4.75
CA LEU A 337 0.65 -11.73 -5.27
C LEU A 337 -0.43 -12.26 -6.20
N GLY A 338 -1.61 -11.70 -6.06
CA GLY A 338 -2.70 -11.91 -6.98
C GLY A 338 -3.37 -10.59 -7.35
N LEU A 339 -4.39 -10.66 -8.21
CA LEU A 339 -5.07 -9.49 -8.72
C LEU A 339 -6.56 -9.64 -8.57
N ILE A 340 -7.24 -8.62 -8.00
CA ILE A 340 -8.69 -8.50 -8.15
C ILE A 340 -9.07 -7.35 -9.08
N THR A 341 -10.11 -7.56 -9.91
CA THR A 341 -10.59 -6.62 -10.92
C THR A 341 -12.07 -6.49 -10.76
N GLN A 342 -12.59 -5.25 -10.88
CA GLN A 342 -14.02 -5.04 -10.94
C GLN A 342 -14.64 -5.42 -12.26
O1 XYP B . -2.41 -13.73 14.99
C1 XYP B . -2.15 -12.41 14.45
C2 XYP B . -1.25 -11.65 15.39
C3 XYP B . -0.83 -10.37 14.84
C4 XYP B . -0.25 -10.49 13.52
C5 XYP B . -1.15 -11.27 12.56
O2 XYP B . -1.96 -11.42 16.64
O3 XYP B . 0.11 -9.78 15.71
O4 XYP B . 0.02 -9.16 12.95
O5 XYP B . -1.56 -12.54 13.12
C1 XYP B . 1.23 -9.19 12.20
C2 XYP B . 1.23 -8.02 11.23
C3 XYP B . 2.51 -7.90 10.51
C4 XYP B . 3.65 -7.86 11.42
C5 XYP B . 3.65 -9.03 12.40
O2 XYP B . 0.19 -8.19 10.28
O3 XYP B . 2.51 -6.68 9.71
O4 XYP B . 4.84 -7.91 10.67
O5 XYP B . 2.37 -9.15 13.11
C1 XYP B . 5.92 -7.40 11.46
C2 XYP B . 7.16 -8.29 11.23
C3 XYP B . 8.37 -7.74 11.89
C4 XYP B . 8.63 -6.36 11.51
C5 XYP B . 7.40 -5.47 11.74
O2 XYP B . 6.88 -9.63 11.77
O3 XYP B . 9.50 -8.53 11.51
O4 XYP B . 9.74 -5.84 12.30
O5 XYP B . 6.18 -6.01 11.09
P PO4 C . 19.49 2.49 7.06
O1 PO4 C . 20.49 1.82 6.13
O2 PO4 C . 19.49 3.98 6.80
O3 PO4 C . 18.11 1.89 6.85
O4 PO4 C . 19.90 2.24 8.50
P PO4 D . -10.38 19.06 -8.62
O1 PO4 D . -9.57 19.48 -9.83
O2 PO4 D . -11.18 20.19 -8.06
O3 PO4 D . -11.29 17.95 -9.09
O4 PO4 D . -9.47 18.58 -7.52
#